data_7P6I
#
_entry.id   7P6I
#
_cell.length_a   52.040
_cell.length_b   63.060
_cell.length_c   98.840
_cell.angle_alpha   90.000
_cell.angle_beta   90.000
_cell.angle_gamma   90.000
#
_symmetry.space_group_name_H-M   'P 21 21 21'
#
loop_
_entity.id
_entity.type
_entity.pdbx_description
1 polymer Endoglucanase
2 non-polymer 2-AMINO-2-HYDROXYMETHYL-PROPANE-1,3-DIOL
3 water water
#
_entity_poly.entity_id   1
_entity_poly.type   'polypeptide(L)'
_entity_poly.pdbx_seq_one_letter_code
;SVDLIGINVAGAEFTGGKLPGKHGTHYFFPPEGYFEYWSEQGIHTVRFPLKWERLQPSLNAELDDVYASLVDDMLDQAKE
NDIKVILDVHNYARYRKKVIGTEDVPVSAYQDLMERIAKRWQGHDALFAYDIMNEPYGSADKLWPAAAQAGIDGVRKYDK
KRPLLIEGASWSSAARWPRYADELLKLKDPADNMVFSAHVFIDEDASGSYKKGPGKDFEPMIGVKRVEPFVNWLKEHGKK
GHIGEFGIPNDDERWLDAMDKLLAYLNENCIPINYWAAGPSWGNYKLSIEPKDGEKRPQVALLKKYAAKDNCSDFGPAKA
E
;
_entity_poly.pdbx_strand_id   A
#
loop_
_chem_comp.id
_chem_comp.type
_chem_comp.name
_chem_comp.formula
TRS non-polymer 2-AMINO-2-HYDROXYMETHYL-PROPANE-1,3-DIOL 'C4 H12 N O3 1'
#
# COMPACT_ATOMS: atom_id res chain seq x y z
N SER A 1 4.06 -16.94 -5.63
CA SER A 1 2.87 -16.92 -4.77
C SER A 1 2.71 -15.56 -4.10
N VAL A 2 3.23 -15.46 -2.88
CA VAL A 2 3.15 -14.24 -2.08
C VAL A 2 4.57 -13.78 -1.81
N ASP A 3 4.96 -12.66 -2.42
CA ASP A 3 6.29 -12.11 -2.23
C ASP A 3 6.35 -11.38 -0.89
N LEU A 4 7.40 -11.63 -0.11
CA LEU A 4 7.55 -10.90 1.14
C LEU A 4 8.04 -9.47 0.92
N ILE A 5 8.74 -9.20 -0.18
CA ILE A 5 9.34 -7.89 -0.42
C ILE A 5 8.70 -7.26 -1.65
N GLY A 6 8.21 -6.02 -1.48
CA GLY A 6 7.59 -5.28 -2.56
C GLY A 6 7.79 -3.80 -2.36
N ILE A 7 7.35 -3.01 -3.33
CA ILE A 7 7.51 -1.55 -3.29
C ILE A 7 6.20 -0.88 -3.72
N ASN A 8 5.96 0.31 -3.16
CA ASN A 8 4.94 1.19 -3.70
C ASN A 8 5.48 1.94 -4.90
N VAL A 9 4.64 2.09 -5.92
CA VAL A 9 4.96 2.91 -7.10
C VAL A 9 3.91 4.01 -7.15
N ALA A 10 4.27 5.18 -6.64
CA ALA A 10 3.32 6.27 -6.46
C ALA A 10 3.47 7.31 -7.57
N GLY A 11 2.38 8.05 -7.81
CA GLY A 11 2.38 9.09 -8.81
C GLY A 11 1.03 9.31 -9.46
N ALA A 12 0.24 8.24 -9.58
CA ALA A 12 -1.07 8.37 -10.22
C ALA A 12 -2.06 9.12 -9.34
N GLU A 13 -1.76 9.25 -8.06
CA GLU A 13 -2.64 9.90 -7.09
C GLU A 13 -2.19 11.32 -6.74
N PHE A 14 -1.14 11.84 -7.37
CA PHE A 14 -0.58 13.11 -6.98
C PHE A 14 -1.53 14.26 -7.33
N THR A 15 -1.33 15.39 -6.65
CA THR A 15 -2.04 16.64 -6.92
C THR A 15 -3.56 16.46 -6.90
N GLY A 16 -4.06 16.07 -5.74
CA GLY A 16 -5.48 15.78 -5.57
C GLY A 16 -6.39 16.95 -5.84
N GLY A 17 -5.86 18.17 -5.81
CA GLY A 17 -6.66 19.35 -6.08
C GLY A 17 -7.00 19.59 -7.54
N LYS A 18 -6.42 18.80 -8.45
CA LYS A 18 -6.65 18.94 -9.88
C LYS A 18 -7.40 17.70 -10.36
N LEU A 19 -8.71 17.85 -10.54
CA LEU A 19 -9.56 16.76 -11.01
C LEU A 19 -10.32 17.23 -12.24
N PRO A 20 -10.24 16.53 -13.38
CA PRO A 20 -9.48 15.28 -13.58
C PRO A 20 -7.96 15.43 -13.54
N GLY A 21 -7.45 16.63 -13.80
CA GLY A 21 -6.02 16.84 -13.89
C GLY A 21 -5.48 16.34 -15.22
N LYS A 22 -4.21 16.65 -15.45
CA LYS A 22 -3.52 16.32 -16.70
CA LYS A 22 -3.53 16.31 -16.70
C LYS A 22 -2.37 15.36 -16.41
N HIS A 23 -2.37 14.23 -17.12
CA HIS A 23 -1.27 13.28 -16.98
C HIS A 23 0.01 13.91 -17.53
N GLY A 24 1.10 13.78 -16.77
CA GLY A 24 2.35 14.42 -17.12
C GLY A 24 2.55 15.80 -16.52
N THR A 25 1.52 16.37 -15.90
CA THR A 25 1.62 17.64 -15.20
C THR A 25 1.23 17.52 -13.75
N HIS A 26 0.03 16.98 -13.47
CA HIS A 26 -0.46 16.82 -12.11
C HIS A 26 -0.29 15.41 -11.56
N TYR A 27 -0.31 14.39 -12.42
CA TYR A 27 -0.15 13.02 -11.98
C TYR A 27 0.65 12.25 -13.02
N PHE A 28 1.20 11.11 -12.61
CA PHE A 28 2.25 10.44 -13.39
C PHE A 28 2.10 8.93 -13.28
N PHE A 29 1.98 8.27 -14.43
CA PHE A 29 2.06 6.81 -14.52
C PHE A 29 3.45 6.40 -14.97
N PRO A 30 3.86 5.16 -14.70
CA PRO A 30 5.21 4.74 -15.08
C PRO A 30 5.41 4.85 -16.58
N PRO A 31 6.51 5.46 -17.02
CA PRO A 31 6.82 5.48 -18.46
C PRO A 31 7.29 4.12 -18.92
N GLU A 32 7.44 3.97 -20.23
CA GLU A 32 7.95 2.71 -20.76
CA GLU A 32 7.95 2.71 -20.76
CA GLU A 32 7.96 2.72 -20.78
C GLU A 32 9.37 2.47 -20.26
N GLY A 33 9.67 1.22 -19.95
CA GLY A 33 10.94 0.85 -19.39
C GLY A 33 11.03 0.96 -17.89
N TYR A 34 9.99 1.49 -17.23
CA TYR A 34 10.07 1.75 -15.80
C TYR A 34 10.23 0.48 -14.99
N PHE A 35 9.40 -0.52 -15.26
CA PHE A 35 9.42 -1.74 -14.46
C PHE A 35 10.64 -2.61 -14.73
N GLU A 36 11.35 -2.37 -15.83
CA GLU A 36 12.55 -3.15 -16.12
CA GLU A 36 12.55 -3.14 -16.13
C GLU A 36 13.58 -3.00 -15.00
N TYR A 37 13.81 -1.77 -14.54
CA TYR A 37 14.80 -1.55 -13.49
C TYR A 37 14.45 -2.34 -12.24
N TRP A 38 13.18 -2.30 -11.83
CA TRP A 38 12.81 -2.95 -10.56
C TRP A 38 12.82 -4.46 -10.69
N SER A 39 12.36 -5.00 -11.82
CA SER A 39 12.48 -6.43 -12.06
C SER A 39 13.94 -6.86 -12.06
N GLU A 40 14.81 -6.07 -12.68
CA GLU A 40 16.24 -6.37 -12.67
CA GLU A 40 16.24 -6.36 -12.66
C GLU A 40 16.80 -6.38 -11.25
N GLN A 41 16.26 -5.54 -10.36
CA GLN A 41 16.67 -5.50 -8.96
C GLN A 41 16.12 -6.68 -8.16
N GLY A 42 15.24 -7.50 -8.75
CA GLY A 42 14.67 -8.61 -8.02
C GLY A 42 13.42 -8.29 -7.23
N ILE A 43 12.77 -7.17 -7.50
CA ILE A 43 11.51 -6.81 -6.85
C ILE A 43 10.39 -7.15 -7.82
N HIS A 44 9.42 -7.95 -7.35
CA HIS A 44 8.40 -8.49 -8.22
C HIS A 44 6.96 -8.19 -7.80
N THR A 45 6.77 -7.41 -6.73
CA THR A 45 5.44 -7.01 -6.29
CA THR A 45 5.44 -7.02 -6.28
C THR A 45 5.43 -5.50 -6.11
N VAL A 46 4.38 -4.86 -6.64
CA VAL A 46 4.22 -3.42 -6.58
CA VAL A 46 4.23 -3.41 -6.54
C VAL A 46 2.83 -3.09 -6.06
N ARG A 47 2.74 -2.13 -5.14
CA ARG A 47 1.47 -1.55 -4.72
C ARG A 47 1.32 -0.24 -5.47
N PHE A 48 0.17 -0.05 -6.12
CA PHE A 48 -0.03 1.07 -7.03
C PHE A 48 -1.21 1.95 -6.63
N PRO A 49 -0.96 3.09 -6.00
CA PRO A 49 -2.05 4.01 -5.65
C PRO A 49 -2.81 4.54 -6.87
N LEU A 50 -4.14 4.65 -6.71
CA LEU A 50 -5.03 5.25 -7.68
C LEU A 50 -5.96 6.23 -6.97
N LYS A 51 -6.40 7.25 -7.70
CA LYS A 51 -7.29 8.27 -7.15
C LYS A 51 -8.72 7.95 -7.58
N TRP A 52 -9.60 7.72 -6.59
CA TRP A 52 -11.00 7.40 -6.87
C TRP A 52 -11.65 8.44 -7.78
N GLU A 53 -11.43 9.72 -7.49
CA GLU A 53 -12.09 10.79 -8.26
C GLU A 53 -11.66 10.79 -9.72
N ARG A 54 -10.44 10.35 -10.02
CA ARG A 54 -10.01 10.25 -11.41
C ARG A 54 -10.55 8.99 -12.07
N LEU A 55 -10.62 7.89 -11.32
CA LEU A 55 -11.18 6.65 -11.85
CA LEU A 55 -11.17 6.67 -11.87
C LEU A 55 -12.67 6.78 -12.10
N GLN A 56 -13.38 7.50 -11.24
CA GLN A 56 -14.83 7.59 -11.31
C GLN A 56 -15.23 9.03 -11.03
N PRO A 57 -15.25 9.88 -12.04
CA PRO A 57 -15.63 11.29 -11.82
C PRO A 57 -17.06 11.47 -11.36
N SER A 58 -17.92 10.46 -11.51
CA SER A 58 -19.28 10.50 -11.02
CA SER A 58 -19.28 10.50 -11.02
C SER A 58 -19.57 9.16 -10.34
N LEU A 59 -20.18 9.22 -9.15
CA LEU A 59 -20.50 8.00 -8.42
C LEU A 59 -21.51 7.16 -9.20
N ASN A 60 -21.39 5.84 -9.06
CA ASN A 60 -22.33 4.90 -9.64
C ASN A 60 -22.40 5.02 -11.16
N ALA A 61 -21.24 5.24 -11.78
CA ALA A 61 -21.16 5.39 -13.22
C ALA A 61 -19.86 4.79 -13.74
N GLU A 62 -19.80 4.64 -15.06
CA GLU A 62 -18.69 3.96 -15.72
C GLU A 62 -17.36 4.62 -15.38
N LEU A 63 -16.31 3.80 -15.29
CA LEU A 63 -14.97 4.32 -15.00
C LEU A 63 -14.50 5.20 -16.15
N ASP A 64 -13.64 6.16 -15.81
CA ASP A 64 -13.15 7.14 -16.80
C ASP A 64 -12.28 6.45 -17.84
N ASP A 65 -12.59 6.67 -19.11
CA ASP A 65 -11.88 5.97 -20.18
C ASP A 65 -10.38 6.26 -20.14
N VAL A 66 -10.00 7.53 -20.02
CA VAL A 66 -8.59 7.90 -20.13
C VAL A 66 -7.80 7.39 -18.93
N TYR A 67 -8.26 7.69 -17.72
CA TYR A 67 -7.50 7.30 -16.54
C TYR A 67 -7.47 5.78 -16.37
N ALA A 68 -8.61 5.11 -16.57
CA ALA A 68 -8.62 3.66 -16.45
C ALA A 68 -7.76 3.00 -17.51
N SER A 69 -7.66 3.62 -18.70
CA SER A 69 -6.80 3.07 -19.74
C SER A 69 -5.33 3.23 -19.40
N LEU A 70 -4.97 4.30 -18.67
CA LEU A 70 -3.60 4.40 -18.18
C LEU A 70 -3.29 3.29 -17.18
N VAL A 71 -4.29 2.88 -16.39
CA VAL A 71 -4.11 1.73 -15.51
C VAL A 71 -3.91 0.47 -16.34
N ASP A 72 -4.75 0.29 -17.38
CA ASP A 72 -4.56 -0.81 -18.32
C ASP A 72 -3.11 -0.88 -18.77
N ASP A 73 -2.59 0.24 -19.29
CA ASP A 73 -1.24 0.26 -19.83
C ASP A 73 -0.22 -0.13 -18.76
N MET A 74 -0.40 0.37 -17.54
CA MET A 74 0.54 0.06 -16.46
C MET A 74 0.55 -1.43 -16.15
N LEU A 75 -0.63 -2.05 -16.07
CA LEU A 75 -0.71 -3.48 -15.81
C LEU A 75 -0.08 -4.28 -16.94
N ASP A 76 -0.27 -3.82 -18.19
CA ASP A 76 0.37 -4.48 -19.33
C ASP A 76 1.88 -4.45 -19.21
N GLN A 77 2.45 -3.31 -18.80
CA GLN A 77 3.90 -3.23 -18.66
CA GLN A 77 3.90 -3.22 -18.65
C GLN A 77 4.39 -4.07 -17.48
N ALA A 78 3.64 -4.09 -16.39
CA ALA A 78 4.02 -4.93 -15.26
C ALA A 78 4.11 -6.39 -15.69
N LYS A 79 3.13 -6.86 -16.46
CA LYS A 79 3.13 -8.23 -16.95
C LYS A 79 4.35 -8.52 -17.81
N GLU A 80 4.71 -7.57 -18.68
CA GLU A 80 5.88 -7.74 -19.54
CA GLU A 80 5.87 -7.75 -19.54
C GLU A 80 7.15 -7.91 -18.74
N ASN A 81 7.20 -7.36 -17.52
CA ASN A 81 8.42 -7.30 -16.73
C ASN A 81 8.35 -8.12 -15.45
N ASP A 82 7.45 -9.11 -15.39
CA ASP A 82 7.42 -10.06 -14.28
C ASP A 82 7.05 -9.40 -12.95
N ILE A 83 6.14 -8.43 -13.00
CA ILE A 83 5.70 -7.67 -11.84
C ILE A 83 4.23 -7.99 -11.58
N LYS A 84 3.89 -8.26 -10.31
CA LYS A 84 2.51 -8.42 -9.85
C LYS A 84 2.09 -7.16 -9.10
N VAL A 85 0.84 -6.74 -9.28
CA VAL A 85 0.39 -5.41 -8.88
C VAL A 85 -0.76 -5.52 -7.88
N ILE A 86 -0.64 -4.80 -6.77
CA ILE A 86 -1.74 -4.56 -5.84
C ILE A 86 -2.31 -3.20 -6.18
N LEU A 87 -3.56 -3.16 -6.64
CA LEU A 87 -4.23 -1.88 -6.89
C LEU A 87 -4.73 -1.32 -5.56
N ASP A 88 -4.47 -0.03 -5.34
CA ASP A 88 -4.75 0.64 -4.07
C ASP A 88 -5.66 1.83 -4.36
N VAL A 89 -6.86 1.82 -3.79
CA VAL A 89 -7.78 2.96 -3.86
C VAL A 89 -7.32 3.93 -2.78
N HIS A 90 -6.63 4.98 -3.19
CA HIS A 90 -5.80 5.78 -2.28
C HIS A 90 -6.60 7.00 -1.80
N ASN A 91 -7.66 6.74 -1.02
CA ASN A 91 -8.66 7.78 -0.82
C ASN A 91 -9.10 8.08 0.62
N TYR A 92 -8.51 7.45 1.63
CA TYR A 92 -8.77 7.83 3.01
C TYR A 92 -10.24 7.69 3.40
N ALA A 93 -10.93 6.74 2.77
CA ALA A 93 -12.34 6.46 3.02
C ALA A 93 -13.24 7.66 2.68
N ARG A 94 -12.83 8.45 1.69
CA ARG A 94 -13.54 9.65 1.30
C ARG A 94 -13.62 9.76 -0.22
N TYR A 95 -14.71 10.36 -0.69
CA TYR A 95 -14.89 10.71 -2.10
C TYR A 95 -15.24 12.19 -2.15
N ARG A 96 -14.40 12.98 -2.82
CA ARG A 96 -14.57 14.42 -2.87
C ARG A 96 -14.75 15.01 -1.47
N LYS A 97 -13.91 14.53 -0.54
CA LYS A 97 -13.81 14.98 0.85
CA LYS A 97 -13.82 14.99 0.84
C LYS A 97 -14.98 14.55 1.74
N LYS A 98 -15.88 13.70 1.27
CA LYS A 98 -17.00 13.22 2.07
C LYS A 98 -16.80 11.75 2.41
N VAL A 99 -17.12 11.39 3.65
CA VAL A 99 -16.85 10.04 4.17
C VAL A 99 -17.83 9.03 3.59
N ILE A 100 -17.31 7.84 3.25
CA ILE A 100 -18.17 6.74 2.82
C ILE A 100 -19.13 6.37 3.93
N GLY A 101 -20.43 6.42 3.64
CA GLY A 101 -21.46 6.16 4.62
C GLY A 101 -22.28 7.38 4.96
N THR A 102 -21.84 8.56 4.54
CA THR A 102 -22.65 9.77 4.65
C THR A 102 -23.67 9.81 3.52
N GLU A 103 -24.53 10.84 3.53
CA GLU A 103 -25.59 10.91 2.54
CA GLU A 103 -25.59 10.93 2.53
C GLU A 103 -25.02 11.11 1.13
N ASP A 104 -23.97 11.92 0.99
CA ASP A 104 -23.39 12.19 -0.32
C ASP A 104 -22.62 11.01 -0.88
N VAL A 105 -22.10 10.12 -0.04
CA VAL A 105 -21.34 8.96 -0.52
C VAL A 105 -21.87 7.71 0.19
N PRO A 106 -22.97 7.13 -0.27
CA PRO A 106 -23.48 5.91 0.38
C PRO A 106 -22.53 4.75 0.18
N VAL A 107 -22.63 3.77 1.07
CA VAL A 107 -21.81 2.57 0.94
C VAL A 107 -22.06 1.89 -0.39
N SER A 108 -23.28 1.99 -0.92
CA SER A 108 -23.57 1.37 -2.21
C SER A 108 -22.73 1.96 -3.33
N ALA A 109 -22.35 3.23 -3.23
CA ALA A 109 -21.50 3.83 -4.25
C ALA A 109 -20.09 3.31 -4.16
N TYR A 110 -19.60 3.09 -2.94
CA TYR A 110 -18.29 2.46 -2.77
C TYR A 110 -18.30 1.03 -3.26
N GLN A 111 -19.37 0.28 -2.94
CA GLN A 111 -19.52 -1.07 -3.49
C GLN A 111 -19.48 -1.05 -5.01
N ASP A 112 -20.16 -0.07 -5.61
CA ASP A 112 -20.17 0.05 -7.07
C ASP A 112 -18.78 0.24 -7.63
N LEU A 113 -17.97 1.13 -7.02
CA LEU A 113 -16.60 1.33 -7.48
C LEU A 113 -15.82 0.02 -7.46
N MET A 114 -15.90 -0.71 -6.35
CA MET A 114 -15.12 -1.95 -6.24
C MET A 114 -15.60 -3.00 -7.23
N GLU A 115 -16.92 -3.05 -7.50
CA GLU A 115 -17.43 -3.92 -8.55
C GLU A 115 -16.79 -3.60 -9.88
N ARG A 116 -16.71 -2.30 -10.23
CA ARG A 116 -16.19 -1.91 -11.52
C ARG A 116 -14.69 -2.14 -11.64
N ILE A 117 -13.96 -1.99 -10.53
CA ILE A 117 -12.52 -2.26 -10.56
C ILE A 117 -12.27 -3.75 -10.80
N ALA A 118 -12.96 -4.60 -10.04
CA ALA A 118 -12.78 -6.03 -10.21
C ALA A 118 -13.28 -6.51 -11.57
N LYS A 119 -14.40 -5.97 -12.04
CA LYS A 119 -14.91 -6.37 -13.35
C LYS A 119 -13.91 -6.06 -14.45
N ARG A 120 -13.26 -4.90 -14.38
CA ARG A 120 -12.36 -4.49 -15.46
C ARG A 120 -11.05 -5.25 -15.43
N TRP A 121 -10.50 -5.53 -14.24
CA TRP A 121 -9.13 -6.01 -14.14
C TRP A 121 -8.97 -7.42 -13.60
N GLN A 122 -10.06 -8.11 -13.25
CA GLN A 122 -9.90 -9.46 -12.74
C GLN A 122 -9.29 -10.40 -13.77
N GLY A 123 -9.45 -10.10 -15.05
CA GLY A 123 -8.85 -10.91 -16.08
C GLY A 123 -7.41 -10.58 -16.40
N HIS A 124 -6.82 -9.60 -15.73
CA HIS A 124 -5.45 -9.19 -16.04
C HIS A 124 -4.47 -10.02 -15.24
N ASP A 125 -3.55 -10.70 -15.94
CA ASP A 125 -2.61 -11.59 -15.28
C ASP A 125 -1.72 -10.86 -14.28
N ALA A 126 -1.39 -9.59 -14.53
CA ALA A 126 -0.50 -8.87 -13.62
C ALA A 126 -1.18 -8.43 -12.34
N LEU A 127 -2.51 -8.45 -12.27
CA LEU A 127 -3.17 -8.07 -11.02
C LEU A 127 -2.97 -9.14 -9.96
N PHE A 128 -2.51 -8.73 -8.78
CA PHE A 128 -2.27 -9.64 -7.67
C PHE A 128 -3.35 -9.57 -6.59
N ALA A 129 -3.74 -8.37 -6.20
CA ALA A 129 -4.67 -8.21 -5.07
C ALA A 129 -5.27 -6.82 -5.14
N TYR A 130 -6.28 -6.59 -4.30
CA TYR A 130 -6.93 -5.29 -4.18
C TYR A 130 -6.73 -4.77 -2.76
N ASP A 131 -6.08 -3.62 -2.64
CA ASP A 131 -6.03 -2.85 -1.39
C ASP A 131 -7.19 -1.87 -1.47
N ILE A 132 -8.30 -2.20 -0.80
CA ILE A 132 -9.59 -1.59 -1.12
C ILE A 132 -9.68 -0.12 -0.69
N MET A 133 -8.85 0.32 0.26
CA MET A 133 -8.88 1.72 0.67
C MET A 133 -7.65 2.07 1.50
N ASN A 134 -6.96 3.14 1.10
CA ASN A 134 -5.80 3.62 1.84
C ASN A 134 -6.20 4.49 3.03
N GLU A 135 -5.69 4.15 4.20
CA GLU A 135 -5.68 4.95 5.42
C GLU A 135 -7.00 5.66 5.75
N PRO A 136 -8.06 4.94 6.07
CA PRO A 136 -9.21 5.59 6.71
C PRO A 136 -8.74 6.34 7.96
N TYR A 137 -9.32 7.50 8.21
CA TYR A 137 -8.90 8.28 9.38
C TYR A 137 -10.01 9.23 9.82
N GLY A 138 -9.89 9.67 11.07
CA GLY A 138 -10.74 10.75 11.56
C GLY A 138 -12.21 10.39 11.54
N SER A 139 -13.01 11.28 10.95
CA SER A 139 -14.45 11.08 10.95
C SER A 139 -14.89 9.91 10.10
N ALA A 140 -13.98 9.27 9.35
CA ALA A 140 -14.30 8.06 8.62
C ALA A 140 -14.13 6.79 9.45
N ASP A 141 -13.50 6.88 10.62
CA ASP A 141 -13.13 5.69 11.38
C ASP A 141 -14.36 4.87 11.78
N LYS A 142 -15.38 5.54 12.33
CA LYS A 142 -16.52 4.81 12.87
C LYS A 142 -17.31 4.10 11.78
N LEU A 143 -17.42 4.72 10.61
CA LEU A 143 -18.17 4.13 9.50
C LEU A 143 -17.33 3.20 8.65
N TRP A 144 -16.02 3.15 8.85
CA TRP A 144 -15.16 2.36 7.98
C TRP A 144 -15.49 0.86 7.97
N PRO A 145 -15.70 0.20 9.11
CA PRO A 145 -16.03 -1.25 9.05
C PRO A 145 -17.22 -1.58 8.16
N ALA A 146 -18.28 -0.76 8.19
CA ALA A 146 -19.41 -0.99 7.30
C ALA A 146 -19.02 -0.77 5.84
N ALA A 147 -18.22 0.27 5.57
CA ALA A 147 -17.77 0.51 4.21
C ALA A 147 -16.88 -0.63 3.72
N ALA A 148 -16.01 -1.14 4.59
CA ALA A 148 -15.12 -2.22 4.21
C ALA A 148 -15.90 -3.45 3.74
N GLN A 149 -16.98 -3.79 4.46
CA GLN A 149 -17.77 -4.96 4.04
C GLN A 149 -18.40 -4.74 2.67
N ALA A 150 -18.84 -3.51 2.39
CA ALA A 150 -19.41 -3.22 1.08
C ALA A 150 -18.36 -3.34 -0.02
N GLY A 151 -17.12 -2.91 0.26
CA GLY A 151 -16.05 -3.05 -0.71
C GLY A 151 -15.69 -4.50 -0.96
N ILE A 152 -15.63 -5.31 0.10
CA ILE A 152 -15.44 -6.75 -0.05
C ILE A 152 -16.54 -7.33 -0.94
N ASP A 153 -17.79 -7.00 -0.64
CA ASP A 153 -18.92 -7.52 -1.42
C ASP A 153 -18.81 -7.09 -2.88
N GLY A 154 -18.36 -5.86 -3.12
CA GLY A 154 -18.20 -5.40 -4.50
C GLY A 154 -17.19 -6.23 -5.27
N VAL A 155 -15.99 -6.40 -4.71
CA VAL A 155 -14.94 -7.16 -5.39
C VAL A 155 -15.41 -8.59 -5.65
N ARG A 156 -15.99 -9.22 -4.63
CA ARG A 156 -16.32 -10.64 -4.70
C ARG A 156 -17.43 -10.96 -5.69
N LYS A 157 -18.17 -9.95 -6.17
CA LYS A 157 -19.13 -10.21 -7.23
C LYS A 157 -18.42 -10.64 -8.52
N TYR A 158 -17.18 -10.20 -8.72
CA TYR A 158 -16.46 -10.43 -9.96
C TYR A 158 -15.14 -11.19 -9.80
N ASP A 159 -14.51 -11.14 -8.63
CA ASP A 159 -13.24 -11.82 -8.39
C ASP A 159 -13.37 -12.59 -7.10
N LYS A 160 -13.47 -13.92 -7.21
CA LYS A 160 -13.62 -14.77 -6.04
C LYS A 160 -12.32 -15.50 -5.67
N LYS A 161 -11.19 -15.03 -6.17
CA LYS A 161 -9.91 -15.70 -5.95
CA LYS A 161 -9.90 -15.70 -5.96
C LYS A 161 -8.88 -14.82 -5.25
N ARG A 162 -8.71 -13.57 -5.71
CA ARG A 162 -7.55 -12.78 -5.30
C ARG A 162 -7.68 -12.29 -3.86
N PRO A 163 -6.54 -12.06 -3.19
CA PRO A 163 -6.58 -11.53 -1.83
C PRO A 163 -7.15 -10.12 -1.81
N LEU A 164 -7.87 -9.83 -0.72
CA LEU A 164 -8.38 -8.51 -0.42
C LEU A 164 -7.59 -7.96 0.75
N LEU A 165 -6.99 -6.79 0.57
CA LEU A 165 -6.20 -6.15 1.62
C LEU A 165 -7.08 -5.10 2.28
N ILE A 166 -7.28 -5.25 3.58
CA ILE A 166 -8.22 -4.45 4.36
C ILE A 166 -7.42 -3.59 5.34
N GLU A 167 -7.45 -2.29 5.14
CA GLU A 167 -6.76 -1.39 6.06
C GLU A 167 -7.65 -1.06 7.25
N GLY A 168 -7.04 -0.47 8.27
CA GLY A 168 -7.70 -0.18 9.52
C GLY A 168 -7.88 1.32 9.74
N ALA A 169 -8.61 1.63 10.79
CA ALA A 169 -8.83 3.01 11.19
C ALA A 169 -7.51 3.68 11.59
N SER A 170 -7.57 5.00 11.79
CA SER A 170 -6.44 5.77 12.30
C SER A 170 -5.22 5.63 11.41
N TRP A 171 -5.42 5.88 10.11
CA TRP A 171 -4.36 5.78 9.11
C TRP A 171 -3.76 4.38 9.05
N SER A 172 -4.57 3.37 9.36
CA SER A 172 -4.15 1.96 9.37
CA SER A 172 -4.15 1.96 9.37
C SER A 172 -2.88 1.78 10.21
N SER A 173 -2.80 2.52 11.32
CA SER A 173 -1.61 2.47 12.17
C SER A 173 -1.40 1.07 12.72
N ALA A 174 -0.20 0.53 12.49
CA ALA A 174 0.15 -0.75 13.09
C ALA A 174 0.30 -0.61 14.60
N ALA A 175 0.89 0.50 15.05
CA ALA A 175 1.16 0.67 16.47
C ALA A 175 -0.10 0.82 17.29
N ARG A 176 -1.13 1.46 16.73
CA ARG A 176 -2.38 1.65 17.44
C ARG A 176 -3.41 0.58 17.09
N TRP A 177 -3.05 -0.39 16.25
CA TRP A 177 -4.00 -1.34 15.68
C TRP A 177 -4.98 -1.93 16.70
N PRO A 178 -4.54 -2.51 17.82
CA PRO A 178 -5.52 -3.17 18.71
C PRO A 178 -6.49 -2.20 19.38
N ARG A 179 -6.21 -0.90 19.37
CA ARG A 179 -7.14 0.04 19.98
C ARG A 179 -8.49 0.03 19.29
N TYR A 180 -8.49 -0.19 17.97
CA TYR A 180 -9.68 -0.05 17.15
C TYR A 180 -10.06 -1.29 16.35
N ALA A 181 -9.15 -2.25 16.19
CA ALA A 181 -9.34 -3.28 15.16
C ALA A 181 -10.40 -4.31 15.50
N ASP A 182 -10.85 -4.39 16.76
CA ASP A 182 -11.88 -5.38 17.09
C ASP A 182 -13.14 -5.16 16.27
N GLU A 183 -13.37 -3.93 15.82
CA GLU A 183 -14.53 -3.64 14.97
C GLU A 183 -14.42 -4.30 13.60
N LEU A 184 -13.22 -4.73 13.21
CA LEU A 184 -13.04 -5.41 11.94
C LEU A 184 -13.28 -6.91 12.03
N LEU A 185 -13.50 -7.45 13.23
CA LEU A 185 -13.71 -8.88 13.38
C LEU A 185 -15.02 -9.35 12.78
N LYS A 186 -15.99 -8.45 12.59
CA LYS A 186 -17.25 -8.81 11.96
CA LYS A 186 -17.25 -8.83 11.97
C LYS A 186 -17.16 -8.91 10.45
N LEU A 187 -16.04 -8.52 9.85
CA LEU A 187 -15.91 -8.59 8.40
C LEU A 187 -15.87 -10.05 7.95
N LYS A 188 -16.53 -10.33 6.82
CA LYS A 188 -16.63 -11.68 6.29
C LYS A 188 -16.25 -11.68 4.82
N ASP A 189 -15.39 -12.61 4.43
CA ASP A 189 -15.04 -12.82 3.02
C ASP A 189 -15.45 -14.23 2.63
N PRO A 190 -16.41 -14.40 1.72
CA PRO A 190 -16.83 -15.76 1.32
C PRO A 190 -15.72 -16.56 0.66
N ALA A 191 -14.71 -15.91 0.10
CA ALA A 191 -13.60 -16.61 -0.54
C ALA A 191 -12.45 -16.92 0.42
N ASP A 192 -12.54 -16.47 1.67
CA ASP A 192 -11.52 -16.74 2.68
C ASP A 192 -10.12 -16.36 2.19
N ASN A 193 -10.01 -15.15 1.64
CA ASN A 193 -8.75 -14.63 1.18
C ASN A 193 -8.66 -13.15 1.53
N MET A 194 -8.80 -12.86 2.82
CA MET A 194 -8.81 -11.51 3.36
CA MET A 194 -8.82 -11.51 3.36
C MET A 194 -7.57 -11.30 4.21
N VAL A 195 -6.88 -10.18 3.98
CA VAL A 195 -5.62 -9.86 4.65
C VAL A 195 -5.71 -8.44 5.19
N PHE A 196 -5.32 -8.25 6.44
CA PHE A 196 -5.29 -6.91 7.01
C PHE A 196 -3.94 -6.27 6.70
N SER A 197 -3.94 -4.97 6.45
CA SER A 197 -2.73 -4.32 5.97
C SER A 197 -2.55 -3.03 6.76
N ALA A 198 -1.48 -2.98 7.54
CA ALA A 198 -1.17 -1.86 8.40
C ALA A 198 0.02 -1.08 7.86
N HIS A 199 0.17 0.15 8.34
CA HIS A 199 1.23 1.04 7.91
C HIS A 199 2.09 1.42 9.11
N VAL A 200 3.38 1.65 8.86
CA VAL A 200 4.29 2.02 9.94
C VAL A 200 5.43 2.87 9.39
N PHE A 201 5.73 3.96 10.11
CA PHE A 201 6.95 4.74 9.92
C PHE A 201 7.58 4.91 11.30
N ILE A 202 8.87 5.16 11.31
CA ILE A 202 9.63 5.14 12.56
C ILE A 202 10.15 6.53 12.95
N ASP A 203 9.54 7.60 12.44
CA ASP A 203 9.81 8.92 12.99
C ASP A 203 9.01 9.08 14.28
N GLU A 204 9.16 10.24 14.94
CA GLU A 204 8.60 10.39 16.28
C GLU A 204 7.09 10.14 16.30
N ASP A 205 6.35 10.78 15.40
CA ASP A 205 4.90 10.64 15.37
C ASP A 205 4.41 9.53 14.44
N ALA A 206 5.32 8.78 13.82
CA ALA A 206 4.98 7.66 12.94
C ALA A 206 4.20 8.09 11.70
N SER A 207 4.30 9.37 11.32
CA SER A 207 3.61 9.88 10.15
C SER A 207 4.42 9.75 8.87
N GLY A 208 5.73 9.51 8.97
CA GLY A 208 6.58 9.46 7.80
C GLY A 208 7.13 10.79 7.34
N SER A 209 6.90 11.87 8.09
CA SER A 209 7.46 13.16 7.70
CA SER A 209 7.46 13.16 7.71
C SER A 209 8.93 13.30 8.08
N TYR A 210 9.40 12.56 9.08
CA TYR A 210 10.79 12.57 9.54
C TYR A 210 11.29 14.00 9.78
N LYS A 211 10.57 14.70 10.66
CA LYS A 211 10.92 16.06 11.03
CA LYS A 211 10.94 16.06 11.01
C LYS A 211 12.22 16.13 11.84
N LYS A 212 12.63 15.02 12.43
CA LYS A 212 13.86 14.96 13.20
CA LYS A 212 13.86 14.95 13.21
CA LYS A 212 13.85 14.95 13.22
C LYS A 212 14.63 13.71 12.81
N GLY A 213 15.90 13.66 13.21
CA GLY A 213 16.72 12.50 12.99
C GLY A 213 16.39 11.45 14.04
N PRO A 214 17.15 10.35 14.05
CA PRO A 214 16.90 9.31 15.06
C PRO A 214 17.03 9.81 16.49
N GLY A 215 17.93 10.75 16.75
CA GLY A 215 18.13 11.29 18.07
C GLY A 215 19.10 10.45 18.91
N LYS A 216 19.38 10.95 20.11
CA LYS A 216 20.29 10.27 21.01
CA LYS A 216 20.29 10.27 21.01
CA LYS A 216 20.29 10.29 21.04
C LYS A 216 19.66 9.06 21.70
N ASP A 217 18.34 9.05 21.83
CA ASP A 217 17.61 7.96 22.48
CA ASP A 217 17.59 7.97 22.48
C ASP A 217 17.00 7.00 21.46
N PHE A 218 17.71 6.74 20.36
CA PHE A 218 17.17 5.89 19.31
C PHE A 218 17.27 4.42 19.70
N GLU A 219 16.21 3.68 19.41
CA GLU A 219 16.15 2.26 19.67
C GLU A 219 16.11 1.52 18.33
N PRO A 220 17.05 0.62 18.06
CA PRO A 220 17.04 -0.09 16.76
C PRO A 220 15.80 -0.94 16.55
N MET A 221 15.10 -1.35 17.62
CA MET A 221 13.91 -2.18 17.49
C MET A 221 12.63 -1.35 17.36
N ILE A 222 12.74 -0.05 17.09
CA ILE A 222 11.55 0.81 17.07
C ILE A 222 10.52 0.32 16.04
N GLY A 223 10.97 -0.14 14.88
CA GLY A 223 10.04 -0.66 13.89
C GLY A 223 9.35 -1.93 14.35
N VAL A 224 10.11 -2.86 14.92
CA VAL A 224 9.51 -4.08 15.47
C VAL A 224 8.50 -3.73 16.56
N LYS A 225 8.86 -2.83 17.46
CA LYS A 225 7.97 -2.46 18.55
C LYS A 225 6.67 -1.85 18.06
N ARG A 226 6.70 -1.18 16.90
CA ARG A 226 5.49 -0.57 16.37
C ARG A 226 4.61 -1.52 15.57
N VAL A 227 5.15 -2.63 15.05
CA VAL A 227 4.31 -3.60 14.35
CA VAL A 227 4.34 -3.61 14.34
C VAL A 227 3.87 -4.75 15.26
N GLU A 228 4.54 -4.97 16.38
CA GLU A 228 4.14 -6.00 17.33
C GLU A 228 2.66 -5.93 17.74
N PRO A 229 2.08 -4.76 18.08
CA PRO A 229 0.65 -4.75 18.42
C PRO A 229 -0.23 -5.29 17.31
N PHE A 230 0.13 -5.00 16.06
CA PHE A 230 -0.61 -5.51 14.90
C PHE A 230 -0.43 -7.01 14.76
N VAL A 231 0.82 -7.49 14.74
CA VAL A 231 1.07 -8.91 14.52
C VAL A 231 0.49 -9.75 15.65
N ASN A 232 0.59 -9.27 16.90
CA ASN A 232 0.03 -10.02 18.02
C ASN A 232 -1.50 -10.09 17.96
N TRP A 233 -2.14 -9.03 17.46
CA TRP A 233 -3.59 -9.08 17.24
C TRP A 233 -3.94 -10.12 16.18
N LEU A 234 -3.16 -10.16 15.10
CA LEU A 234 -3.38 -11.18 14.07
C LEU A 234 -3.28 -12.58 14.66
N LYS A 235 -2.28 -12.81 15.51
CA LYS A 235 -2.11 -14.13 16.12
C LYS A 235 -3.25 -14.45 17.05
N GLU A 236 -3.66 -13.47 17.88
CA GLU A 236 -4.74 -13.69 18.83
C GLU A 236 -6.05 -14.06 18.12
N HIS A 237 -6.29 -13.49 16.95
CA HIS A 237 -7.57 -13.67 16.26
C HIS A 237 -7.50 -14.55 15.03
N GLY A 238 -6.36 -15.19 14.77
CA GLY A 238 -6.25 -16.08 13.62
C GLY A 238 -6.41 -15.39 12.28
N LYS A 239 -5.86 -14.19 12.14
CA LYS A 239 -5.98 -13.41 10.92
C LYS A 239 -4.64 -13.33 10.20
N LYS A 240 -4.69 -12.86 8.95
CA LYS A 240 -3.50 -12.71 8.11
CA LYS A 240 -3.52 -12.71 8.09
C LYS A 240 -3.19 -11.24 7.92
N GLY A 241 -1.90 -10.93 7.76
CA GLY A 241 -1.45 -9.55 7.76
C GLY A 241 -0.45 -9.21 6.67
N HIS A 242 -0.09 -7.93 6.64
CA HIS A 242 0.61 -7.29 5.54
C HIS A 242 0.95 -5.88 6.01
N ILE A 243 2.11 -5.37 5.60
CA ILE A 243 2.51 -4.00 5.87
C ILE A 243 2.53 -3.26 4.54
N GLY A 244 1.54 -2.37 4.34
CA GLY A 244 1.39 -1.74 3.04
C GLY A 244 2.29 -0.55 2.80
N GLU A 245 2.83 0.04 3.87
CA GLU A 245 3.71 1.20 3.74
C GLU A 245 4.72 1.22 4.87
N PHE A 246 5.99 1.40 4.51
CA PHE A 246 7.08 1.71 5.43
C PHE A 246 8.18 2.35 4.61
N GLY A 247 8.81 3.40 5.16
CA GLY A 247 9.92 4.04 4.47
C GLY A 247 10.77 4.80 5.45
N ILE A 248 12.00 5.09 5.03
CA ILE A 248 12.99 5.81 5.84
C ILE A 248 13.80 6.73 4.96
N PRO A 249 14.38 7.78 5.54
CA PRO A 249 15.32 8.61 4.80
C PRO A 249 16.62 7.86 4.52
N ASN A 250 17.39 8.40 3.58
CA ASN A 250 18.66 7.81 3.17
C ASN A 250 19.88 8.43 3.85
N ASP A 251 19.68 9.27 4.87
CA ASP A 251 20.77 10.10 5.39
C ASP A 251 21.20 9.74 6.81
N ASP A 252 20.84 8.56 7.32
CA ASP A 252 21.32 8.15 8.64
C ASP A 252 21.32 6.64 8.71
N GLU A 253 22.49 6.04 8.94
CA GLU A 253 22.61 4.60 8.97
C GLU A 253 21.77 3.96 10.07
N ARG A 254 21.39 4.72 11.10
CA ARG A 254 20.58 4.15 12.17
C ARG A 254 19.20 3.76 11.66
N TRP A 255 18.64 4.53 10.72
CA TRP A 255 17.35 4.15 10.12
C TRP A 255 17.46 2.80 9.42
N LEU A 256 18.56 2.58 8.71
CA LEU A 256 18.74 1.32 7.98
C LEU A 256 18.79 0.14 8.93
N ASP A 257 19.47 0.29 10.07
CA ASP A 257 19.51 -0.80 11.04
C ASP A 257 18.12 -1.14 11.56
N ALA A 258 17.31 -0.11 11.87
CA ALA A 258 15.94 -0.37 12.31
C ALA A 258 15.12 -1.03 11.22
N MET A 259 15.34 -0.64 9.96
CA MET A 259 14.66 -1.28 8.84
C MET A 259 15.05 -2.75 8.74
N ASP A 260 16.34 -3.04 8.91
CA ASP A 260 16.82 -4.42 8.91
C ASP A 260 16.12 -5.25 9.99
N LYS A 261 16.05 -4.72 11.21
CA LYS A 261 15.40 -5.45 12.30
CA LYS A 261 15.39 -5.45 12.30
C LYS A 261 13.92 -5.67 12.00
N LEU A 262 13.26 -4.66 11.41
CA LEU A 262 11.85 -4.82 11.06
C LEU A 262 11.68 -5.90 9.99
N LEU A 263 12.50 -5.87 8.94
CA LEU A 263 12.38 -6.86 7.88
C LEU A 263 12.61 -8.28 8.42
N ALA A 264 13.51 -8.43 9.39
CA ALA A 264 13.76 -9.74 9.95
C ALA A 264 12.54 -10.25 10.71
N TYR A 265 11.89 -9.36 11.47
CA TYR A 265 10.70 -9.75 12.23
C TYR A 265 9.54 -10.08 11.29
N LEU A 266 9.34 -9.27 10.25
CA LEU A 266 8.29 -9.56 9.28
C LEU A 266 8.55 -10.87 8.56
N ASN A 267 9.81 -11.13 8.20
CA ASN A 267 10.15 -12.39 7.53
C ASN A 267 9.83 -13.58 8.43
N GLU A 268 10.22 -13.50 9.70
CA GLU A 268 9.94 -14.61 10.61
C GLU A 268 8.45 -14.88 10.74
N ASN A 269 7.62 -13.86 10.55
CA ASN A 269 6.18 -13.98 10.69
C ASN A 269 5.44 -14.04 9.35
N CYS A 270 6.18 -14.14 8.24
CA CYS A 270 5.56 -14.27 6.91
C CYS A 270 4.65 -13.09 6.56
N ILE A 271 5.00 -11.90 7.00
CA ILE A 271 4.22 -10.70 6.73
C ILE A 271 4.91 -9.94 5.60
N PRO A 272 4.30 -9.84 4.42
CA PRO A 272 4.92 -9.06 3.34
C PRO A 272 4.94 -7.57 3.66
N ILE A 273 5.82 -6.86 2.95
CA ILE A 273 5.98 -5.41 3.10
C ILE A 273 6.01 -4.76 1.72
N ASN A 274 5.47 -3.54 1.65
CA ASN A 274 5.58 -2.68 0.48
C ASN A 274 6.27 -1.39 0.91
N TYR A 275 7.49 -1.19 0.44
CA TYR A 275 8.25 -0.01 0.81
C TYR A 275 7.62 1.24 0.21
N TRP A 276 7.56 2.30 1.01
CA TRP A 276 7.05 3.61 0.56
C TRP A 276 8.23 4.57 0.47
N ALA A 277 8.62 4.99 -0.74
CA ALA A 277 7.98 4.62 -2.00
C ALA A 277 8.96 4.78 -3.15
N ALA A 278 8.73 4.04 -4.24
CA ALA A 278 9.31 4.32 -5.53
C ALA A 278 8.28 5.11 -6.35
N GLY A 279 8.68 5.51 -7.55
CA GLY A 279 7.74 6.19 -8.42
C GLY A 279 8.42 7.03 -9.48
N PRO A 280 7.69 7.32 -10.57
CA PRO A 280 8.31 7.98 -11.72
C PRO A 280 8.53 9.48 -11.56
N SER A 281 7.95 10.13 -10.55
CA SER A 281 8.06 11.58 -10.46
C SER A 281 8.07 12.03 -8.99
N TRP A 282 9.04 11.53 -8.23
CA TRP A 282 9.17 11.88 -6.82
C TRP A 282 10.13 13.03 -6.58
N GLY A 283 11.05 13.28 -7.49
CA GLY A 283 12.03 14.34 -7.28
C GLY A 283 12.84 14.11 -6.03
N ASN A 284 12.92 15.15 -5.19
CA ASN A 284 13.75 15.17 -4.00
CA ASN A 284 13.74 15.18 -3.99
C ASN A 284 13.13 14.46 -2.80
N TYR A 285 11.99 13.80 -2.96
CA TYR A 285 11.28 13.19 -1.84
C TYR A 285 12.21 12.33 -0.98
N LYS A 286 12.23 12.60 0.32
CA LYS A 286 13.24 12.03 1.20
C LYS A 286 13.11 10.52 1.35
N LEU A 287 11.92 9.95 1.17
CA LEU A 287 11.74 8.52 1.32
C LEU A 287 11.88 7.77 0.00
N SER A 288 12.06 8.48 -1.11
CA SER A 288 12.08 7.83 -2.41
C SER A 288 13.24 6.86 -2.53
N ILE A 289 12.96 5.70 -3.13
CA ILE A 289 13.98 4.75 -3.53
C ILE A 289 14.16 4.74 -5.04
N GLU A 290 13.51 5.64 -5.76
CA GLU A 290 13.70 5.71 -7.20
C GLU A 290 15.10 6.23 -7.50
N PRO A 291 15.80 5.66 -8.48
CA PRO A 291 17.12 6.18 -8.83
C PRO A 291 17.09 7.66 -9.12
N LYS A 292 18.11 8.37 -8.64
CA LYS A 292 18.21 9.81 -8.83
CA LYS A 292 18.21 9.81 -8.83
C LYS A 292 19.68 10.19 -8.78
N ASP A 293 20.10 11.05 -9.71
CA ASP A 293 21.51 11.44 -9.78
CA ASP A 293 21.51 11.44 -9.78
C ASP A 293 21.94 12.08 -8.47
N GLY A 294 23.06 11.59 -7.93
CA GLY A 294 23.59 12.11 -6.69
C GLY A 294 22.95 11.58 -5.43
N GLU A 295 21.99 10.68 -5.54
CA GLU A 295 21.31 10.12 -4.37
C GLU A 295 21.61 8.63 -4.27
N LYS A 296 22.04 8.21 -3.09
CA LYS A 296 22.21 6.80 -2.78
CA LYS A 296 22.21 6.79 -2.79
CA LYS A 296 22.21 6.79 -2.79
C LYS A 296 20.92 6.26 -2.19
N ARG A 297 20.59 5.01 -2.52
CA ARG A 297 19.38 4.36 -2.04
C ARG A 297 19.76 3.09 -1.28
N PRO A 298 20.38 3.23 -0.10
CA PRO A 298 20.77 2.03 0.66
C PRO A 298 19.59 1.15 1.04
N GLN A 299 18.38 1.70 1.06
CA GLN A 299 17.20 0.88 1.34
C GLN A 299 17.03 -0.23 0.31
N VAL A 300 17.42 0.04 -0.95
CA VAL A 300 17.24 -0.93 -2.01
C VAL A 300 18.14 -2.14 -1.81
N ALA A 301 19.41 -1.90 -1.47
CA ALA A 301 20.32 -3.02 -1.21
C ALA A 301 19.81 -3.90 -0.08
N LEU A 302 19.21 -3.30 0.93
CA LEU A 302 18.65 -4.07 2.04
C LEU A 302 17.43 -4.89 1.58
N LEU A 303 16.52 -4.25 0.83
CA LEU A 303 15.37 -4.97 0.29
C LEU A 303 15.82 -6.13 -0.59
N LYS A 304 16.88 -5.94 -1.38
CA LYS A 304 17.34 -6.99 -2.27
C LYS A 304 17.83 -8.21 -1.49
N LYS A 305 18.51 -7.97 -0.36
CA LYS A 305 18.95 -9.09 0.48
C LYS A 305 17.77 -9.93 0.92
N TYR A 306 16.68 -9.28 1.36
CA TYR A 306 15.51 -10.01 1.84
C TYR A 306 14.69 -10.61 0.71
N ALA A 307 14.70 -9.97 -0.48
CA ALA A 307 13.92 -10.48 -1.59
C ALA A 307 14.43 -11.83 -2.07
N ALA A 308 15.66 -12.19 -1.72
CA ALA A 308 16.23 -13.48 -2.08
C ALA A 308 15.88 -14.58 -1.10
N LYS A 309 15.33 -14.24 0.06
CA LYS A 309 14.89 -15.27 1.01
C LYS A 309 13.62 -15.92 0.50
N ASP A 310 13.42 -17.18 0.89
CA ASP A 310 12.24 -17.92 0.47
C ASP A 310 10.97 -17.19 0.87
N ASN A 311 10.00 -17.18 -0.03
CA ASN A 311 8.69 -16.68 0.34
C ASN A 311 7.98 -17.72 1.21
N CYS A 312 6.92 -17.28 1.87
CA CYS A 312 6.05 -18.21 2.58
C CYS A 312 4.95 -18.66 1.65
N SER A 313 4.23 -19.70 2.07
CA SER A 313 3.18 -20.24 1.20
C SER A 313 1.95 -19.35 1.15
N ASP A 314 1.74 -18.53 2.18
CA ASP A 314 0.57 -17.66 2.25
C ASP A 314 0.91 -16.53 3.19
N PHE A 315 0.02 -15.54 3.24
CA PHE A 315 0.17 -14.44 4.18
C PHE A 315 0.19 -14.99 5.60
N GLY A 316 1.20 -14.58 6.38
CA GLY A 316 1.29 -14.97 7.77
C GLY A 316 0.48 -14.04 8.66
N PRO A 317 0.61 -14.17 9.99
CA PRO A 317 1.48 -15.12 10.69
C PRO A 317 0.95 -16.53 10.63
N ALA A 318 1.84 -17.51 10.79
CA ALA A 318 1.43 -18.90 10.77
C ALA A 318 0.44 -19.16 11.90
N LYS A 319 -0.51 -20.04 11.64
CA LYS A 319 -1.46 -20.44 12.67
C LYS A 319 -0.74 -21.21 13.78
N ALA A 320 -1.21 -21.02 15.00
CA ALA A 320 -0.71 -21.82 16.10
C ALA A 320 -1.06 -23.28 15.88
N GLU A 321 -0.14 -24.17 16.22
CA GLU A 321 -0.37 -25.60 16.03
C GLU A 321 0.17 -26.40 17.21
C TRS B . 0.94 8.28 3.04
C1 TRS B . 2.32 8.82 2.68
C2 TRS B . 0.36 7.52 1.86
C3 TRS B . 0.02 9.43 3.43
N TRS B . 1.07 7.37 4.18
O1 TRS B . 2.79 9.63 3.74
O2 TRS B . -0.70 6.69 2.29
O3 TRS B . -1.28 8.94 3.68
C TRS C . 11.53 -17.93 6.17
C1 TRS C . 10.17 -17.23 6.24
C2 TRS C . 12.10 -17.88 4.76
C3 TRS C . 11.38 -19.38 6.63
N TRS C . 12.45 -17.25 7.08
O1 TRS C . 9.71 -17.21 7.56
O2 TRS C . 12.23 -16.54 4.33
O3 TRS C . 12.65 -20.02 6.61
C TRS D . -8.82 2.08 -25.09
C1 TRS D . -9.62 3.37 -25.22
C2 TRS D . -7.35 2.35 -25.40
C3 TRS D . -9.36 1.03 -26.05
N TRS D . -8.94 1.58 -23.73
O1 TRS D . -10.98 3.11 -24.97
O2 TRS D . -6.86 3.35 -24.52
O3 TRS D . -8.78 -0.22 -25.77
#